data_4AKP
#
_entry.id   4AKP
#
_cell.length_a   101.898
_cell.length_b   101.898
_cell.length_c   136.931
_cell.angle_alpha   90.00
_cell.angle_beta   90.00
_cell.angle_gamma   120.00
#
_symmetry.space_group_name_H-M   'P 31 2 1'
#
loop_
_entity.id
_entity.type
_entity.pdbx_description
1 polymer 'SPORE COAT PROTEIN A'
2 non-polymer 'COPPER (II) ION'
3 non-polymer 'OXYGEN MOLECULE'
4 non-polymer 1,2-ETHANEDIOL
5 water water
#
_entity_poly.entity_id   1
_entity_poly.type   'polypeptide(L)'
_entity_poly.pdbx_seq_one_letter_code
;MTLEKFVDALPIPDTLKPVQQSKEKTYYEVTMEE(CSX)THQLHRDLPPTRLWGYNGLFPGPTIEVKRNENVYVKWMNNL
PSTHFLPIDHTIHHSDSQHEEPEVKTVVHLHGGVTPDDSDGYPEAWFSKDFEQTGPYFKREVYHYPNQQRGAILWYHDHA
MALTRLNVYAGLVGAYIIHDPKEKRLKLPSDEYDVPLLITDRTINEDGSLFYPSAPENPSPSLPNPSIVPAFCGETILVN
GKVWPYLEVEPRKYRFRVINASNTRTYNLSLDNGGDFIQIGSDGGLLPRSVKLNSFSLAPAERYDIIIDFTAYEGESIIL
ANSAGCGGDVNPETDANIMQFRVTKPLAQKDESRKPKYLASYPSVQHERIQNIRTLKLAGTQDEYGRPVLLLNNKRWHDP
VTETPKVGTTEIWSIINPTRGTHPIHLHLVSFRVLDRRPFDIARYQESGELSYTGPAVPPPPSEKGWKDTIQAHAGEVLR
IAATFGPYSGRYVWHCHILEHTDYDMMRPMDITDPHK
;
_entity_poly.pdbx_strand_id   A
#
loop_
_chem_comp.id
_chem_comp.type
_chem_comp.name
_chem_comp.formula
CU non-polymer 'COPPER (II) ION' 'Cu 2'
EDO non-polymer 1,2-ETHANEDIOL 'C2 H6 O2'
OXY non-polymer 'OXYGEN MOLECULE' O2
#
# COMPACT_ATOMS: atom_id res chain seq x y z
N THR A 2 -9.65 -26.88 -2.76
CA THR A 2 -8.89 -25.71 -2.23
C THR A 2 -9.05 -25.64 -0.70
N LEU A 3 -8.30 -24.75 -0.04
CA LEU A 3 -8.35 -24.61 1.43
C LEU A 3 -9.72 -24.20 1.95
N GLU A 4 -10.17 -24.87 3.00
CA GLU A 4 -11.49 -24.61 3.57
C GLU A 4 -11.59 -23.19 4.16
N LYS A 5 -12.53 -22.42 3.65
CA LYS A 5 -12.70 -21.03 4.05
C LYS A 5 -13.22 -20.91 5.48
N PHE A 6 -12.70 -19.91 6.19
CA PHE A 6 -13.24 -19.44 7.48
C PHE A 6 -13.13 -20.46 8.61
N VAL A 7 -11.93 -21.04 8.79
CA VAL A 7 -11.69 -21.99 9.88
C VAL A 7 -10.68 -21.48 10.91
N ASP A 8 -9.98 -20.40 10.56
CA ASP A 8 -8.99 -19.80 11.44
C ASP A 8 -9.46 -18.43 11.90
N ALA A 9 -9.29 -18.12 13.18
CA ALA A 9 -9.60 -16.80 13.70
C ALA A 9 -8.62 -15.77 13.14
N LEU A 10 -9.11 -14.57 12.83
CA LEU A 10 -8.26 -13.46 12.37
C LEU A 10 -7.25 -13.04 13.43
N PRO A 11 -5.93 -13.14 13.12
CA PRO A 11 -4.95 -12.56 14.04
C PRO A 11 -5.06 -11.04 14.08
N ILE A 12 -4.78 -10.46 15.24
CA ILE A 12 -4.69 -9.02 15.35
C ILE A 12 -3.29 -8.75 15.86
N PRO A 13 -2.40 -8.23 14.97
CA PRO A 13 -1.00 -8.04 15.36
C PRO A 13 -0.92 -7.24 16.67
N ASP A 14 -0.08 -7.71 17.59
CA ASP A 14 0.17 -6.94 18.81
C ASP A 14 0.76 -5.59 18.44
N THR A 15 0.52 -4.60 19.29
CA THR A 15 1.10 -3.29 19.10
C THR A 15 2.54 -3.31 19.63
N LEU A 16 3.47 -2.83 18.80
CA LEU A 16 4.90 -2.84 19.16
C LEU A 16 5.17 -1.96 20.39
N LYS A 17 5.95 -2.49 21.33
CA LYS A 17 6.37 -1.73 22.50
C LYS A 17 7.76 -1.14 22.28
N PRO A 18 7.96 0.15 22.64
CA PRO A 18 9.25 0.79 22.48
C PRO A 18 10.34 0.20 23.36
N VAL A 19 11.57 0.22 22.86
CA VAL A 19 12.77 -0.18 23.62
C VAL A 19 13.07 0.89 24.69
N GLN A 20 12.93 2.15 24.30
CA GLN A 20 13.06 3.27 25.21
C GLN A 20 11.98 4.29 24.86
N GLN A 21 11.46 4.97 25.87
CA GLN A 21 10.49 6.03 25.64
C GLN A 21 10.58 7.08 26.74
N SER A 22 10.55 8.34 26.33
CA SER A 22 10.44 9.48 27.23
C SER A 22 9.45 10.43 26.60
N LYS A 23 9.19 11.55 27.25
CA LYS A 23 8.34 12.60 26.68
C LYS A 23 8.94 13.13 25.37
N GLU A 24 10.28 13.15 25.27
CA GLU A 24 10.99 13.76 24.14
C GLU A 24 11.27 12.82 22.96
N LYS A 25 11.29 11.52 23.20
CA LYS A 25 11.73 10.56 22.20
C LYS A 25 11.16 9.16 22.44
N THR A 26 10.62 8.57 21.39
CA THR A 26 10.23 7.15 21.40
C THR A 26 11.17 6.36 20.47
N TYR A 27 11.76 5.30 21.01
CA TYR A 27 12.75 4.53 20.29
C TYR A 27 12.33 3.05 20.15
N TYR A 28 12.22 2.61 18.89
CA TYR A 28 11.84 1.24 18.56
C TYR A 28 12.97 0.50 17.88
N GLU A 29 13.00 -0.82 18.07
CA GLU A 29 13.88 -1.70 17.31
C GLU A 29 13.05 -2.77 16.63
N VAL A 30 13.25 -2.92 15.33
CA VAL A 30 12.56 -3.96 14.57
C VAL A 30 13.58 -4.72 13.73
N THR A 31 13.62 -6.03 13.90
CA THR A 31 14.57 -6.89 13.20
C THR A 31 13.87 -7.81 12.23
N MET A 32 14.30 -7.78 10.97
CA MET A 32 13.80 -8.69 9.94
C MET A 32 14.38 -10.08 10.14
N GLU A 33 13.50 -11.07 10.26
CA GLU A 33 13.91 -12.46 10.55
C GLU A 33 13.19 -13.43 9.64
N GLU A 34 13.87 -14.51 9.26
CA GLU A 34 13.19 -15.63 8.61
C GLU A 34 12.60 -16.53 9.70
N CSX A 35 11.28 -16.72 9.69
CA CSX A 35 10.60 -17.56 10.69
CB CSX A 35 10.02 -16.69 11.81
CB CSX A 35 10.03 -16.71 11.83
SG CSX A 35 11.30 -15.92 12.87
SG CSX A 35 9.98 -17.63 13.41
C CSX A 35 9.53 -18.38 10.01
O CSX A 35 9.28 -18.19 8.82
OD CSX A 35 11.97 -16.99 13.86
OD CSX A 35 9.75 -16.66 14.65
N THR A 36 8.90 -19.31 10.73
CA THR A 36 7.79 -20.05 10.12
C THR A 36 6.49 -19.76 10.86
N HIS A 37 5.39 -19.71 10.10
CA HIS A 37 4.07 -19.47 10.64
C HIS A 37 3.06 -20.31 9.89
N GLN A 38 2.03 -20.75 10.59
CA GLN A 38 0.94 -21.48 9.95
C GLN A 38 -0.08 -20.49 9.41
N LEU A 39 -0.32 -20.56 8.11
CA LEU A 39 -1.20 -19.61 7.43
C LEU A 39 -2.66 -20.10 7.35
N HIS A 40 -2.85 -21.40 7.62
CA HIS A 40 -4.17 -22.02 7.58
C HIS A 40 -4.14 -23.30 8.41
N ARG A 41 -5.27 -23.62 9.04
CA ARG A 41 -5.42 -24.84 9.84
C ARG A 41 -4.83 -26.09 9.18
N ASP A 42 -5.03 -26.21 7.87
CA ASP A 42 -4.72 -27.45 7.14
C ASP A 42 -3.37 -27.46 6.41
N LEU A 43 -2.54 -26.47 6.72
CA LEU A 43 -1.22 -26.36 6.08
C LEU A 43 -0.10 -26.58 7.08
N PRO A 44 1.04 -27.15 6.61
CA PRO A 44 2.26 -27.13 7.42
C PRO A 44 2.74 -25.67 7.52
N PRO A 45 3.56 -25.34 8.53
CA PRO A 45 4.04 -23.97 8.66
C PRO A 45 4.79 -23.48 7.42
N THR A 46 4.66 -22.19 7.15
CA THR A 46 5.25 -21.56 5.97
C THR A 46 6.47 -20.77 6.39
N ARG A 47 7.57 -20.95 5.66
CA ARG A 47 8.75 -20.13 5.82
C ARG A 47 8.51 -18.74 5.23
N LEU A 48 8.73 -17.73 6.05
CA LEU A 48 8.40 -16.34 5.71
C LEU A 48 9.51 -15.43 6.23
N TRP A 49 9.52 -14.21 5.72
CA TRP A 49 10.34 -13.13 6.25
C TRP A 49 9.42 -12.15 6.95
N GLY A 50 9.70 -11.87 8.23
CA GLY A 50 8.84 -10.99 8.99
C GLY A 50 9.60 -9.98 9.84
N TYR A 51 9.01 -8.79 10.00
CA TYR A 51 9.49 -7.81 10.95
C TYR A 51 9.26 -8.35 12.36
N ASN A 52 10.33 -8.39 13.14
CA ASN A 52 10.36 -9.09 14.42
C ASN A 52 9.90 -10.54 14.33
N GLY A 53 10.12 -11.13 13.15
CA GLY A 53 9.74 -12.52 12.91
C GLY A 53 8.24 -12.76 12.81
N LEU A 54 7.48 -11.70 12.56
CA LEU A 54 6.01 -11.78 12.55
C LEU A 54 5.45 -11.44 11.17
N PHE A 55 4.34 -12.08 10.81
CA PHE A 55 3.65 -11.79 9.56
C PHE A 55 2.13 -11.64 9.77
N PRO A 56 1.59 -10.40 9.62
CA PRO A 56 2.27 -9.13 9.37
C PRO A 56 3.17 -8.70 10.52
N GLY A 57 3.99 -7.69 10.29
CA GLY A 57 4.82 -7.14 11.35
C GLY A 57 3.94 -6.56 12.44
N PRO A 58 4.55 -6.21 13.58
CA PRO A 58 3.80 -5.60 14.67
C PRO A 58 3.17 -4.29 14.24
N THR A 59 1.97 -4.01 14.75
CA THR A 59 1.33 -2.74 14.48
C THR A 59 2.01 -1.68 15.32
N ILE A 60 2.40 -0.58 14.68
CA ILE A 60 3.03 0.51 15.42
C ILE A 60 2.01 1.64 15.59
N GLU A 61 1.85 2.10 16.82
CA GLU A 61 0.91 3.17 17.13
C GLU A 61 1.63 4.39 17.67
N VAL A 62 1.39 5.54 17.04
CA VAL A 62 2.03 6.79 17.44
C VAL A 62 1.01 7.92 17.52
N LYS A 63 1.38 8.96 18.26
CA LYS A 63 0.58 10.18 18.30
C LYS A 63 1.11 11.13 17.24
N ARG A 64 0.22 11.98 16.72
CA ARG A 64 0.65 13.08 15.88
C ARG A 64 1.76 13.86 16.62
N ASN A 65 2.82 14.22 15.89
CA ASN A 65 3.96 14.97 16.47
C ASN A 65 4.83 14.18 17.45
N GLU A 66 4.54 12.89 17.64
CA GLU A 66 5.40 12.06 18.48
C GLU A 66 6.75 11.90 17.80
N ASN A 67 7.83 12.13 18.56
CA ASN A 67 9.19 12.08 18.04
C ASN A 67 9.69 10.64 18.03
N VAL A 68 9.42 9.94 16.93
CA VAL A 68 9.65 8.49 16.85
C VAL A 68 10.89 8.12 16.05
N TYR A 69 11.67 7.16 16.58
CA TYR A 69 12.77 6.55 15.87
C TYR A 69 12.57 5.05 15.81
N VAL A 70 12.89 4.47 14.66
CA VAL A 70 12.89 3.02 14.51
C VAL A 70 14.21 2.57 13.90
N LYS A 71 14.94 1.74 14.64
CA LYS A 71 16.12 1.10 14.10
C LYS A 71 15.67 -0.18 13.38
N TRP A 72 15.51 -0.09 12.06
CA TRP A 72 15.16 -1.26 11.26
C TRP A 72 16.41 -2.07 10.95
N MET A 73 16.40 -3.35 11.29
CA MET A 73 17.59 -4.18 11.20
C MET A 73 17.37 -5.42 10.36
N ASN A 74 18.41 -5.81 9.64
CA ASN A 74 18.36 -6.98 8.77
C ASN A 74 19.08 -8.12 9.46
N ASN A 75 18.34 -9.16 9.83
CA ASN A 75 18.93 -10.40 10.32
C ASN A 75 18.45 -11.57 9.49
N LEU A 76 18.41 -11.35 8.18
CA LEU A 76 17.89 -12.33 7.23
C LEU A 76 19.02 -13.19 6.65
N PRO A 77 18.69 -14.39 6.14
CA PRO A 77 19.69 -15.19 5.43
C PRO A 77 20.34 -14.45 4.25
N SER A 78 21.50 -14.93 3.84
CA SER A 78 22.25 -14.31 2.73
C SER A 78 21.71 -14.72 1.38
N THR A 79 20.80 -15.67 1.36
CA THR A 79 20.21 -16.11 0.11
C THR A 79 18.69 -16.01 0.20
N HIS A 80 18.08 -15.53 -0.88
CA HIS A 80 16.64 -15.41 -0.96
C HIS A 80 16.02 -16.79 -1.13
N PHE A 81 14.78 -16.95 -0.67
CA PHE A 81 14.05 -18.18 -0.93
C PHE A 81 13.08 -18.03 -2.11
N LEU A 82 12.90 -16.80 -2.59
CA LEU A 82 12.08 -16.52 -3.77
C LEU A 82 12.97 -16.25 -4.98
N PRO A 83 12.45 -16.48 -6.21
CA PRO A 83 13.34 -16.40 -7.39
C PRO A 83 13.79 -14.99 -7.79
N ILE A 84 15.11 -14.78 -7.77
CA ILE A 84 15.67 -13.48 -8.15
C ILE A 84 16.01 -13.43 -9.65
N ASP A 85 15.51 -12.39 -10.30
CA ASP A 85 15.86 -12.10 -11.68
C ASP A 85 17.07 -11.17 -11.70
N HIS A 86 18.19 -11.71 -12.17
CA HIS A 86 19.46 -10.98 -12.16
C HIS A 86 19.63 -10.01 -13.34
N THR A 87 18.67 -10.00 -14.26
CA THR A 87 18.80 -9.23 -15.49
C THR A 87 18.16 -7.84 -15.43
N ILE A 88 17.36 -7.57 -14.39
CA ILE A 88 16.56 -6.34 -14.33
C ILE A 88 17.31 -5.13 -13.75
N HIS A 89 18.44 -5.38 -13.11
CA HIS A 89 19.26 -4.33 -12.53
C HIS A 89 20.73 -4.71 -12.63
N HIS A 90 21.57 -3.76 -13.03
CA HIS A 90 23.00 -4.01 -13.19
C HIS A 90 23.84 -3.08 -12.33
N GLU A 96 29.99 -8.60 -5.85
CA GLU A 96 30.20 -7.27 -5.25
C GLU A 96 29.00 -6.82 -4.40
N GLU A 97 27.78 -6.91 -4.95
CA GLU A 97 26.57 -6.55 -4.20
C GLU A 97 25.92 -7.79 -3.57
N PRO A 98 25.37 -7.64 -2.35
CA PRO A 98 24.67 -8.77 -1.73
C PRO A 98 23.38 -9.11 -2.49
N GLU A 99 23.03 -10.39 -2.51
CA GLU A 99 21.79 -10.84 -3.15
C GLU A 99 20.55 -10.34 -2.38
N VAL A 100 20.62 -10.37 -1.05
CA VAL A 100 19.52 -9.95 -0.19
C VAL A 100 19.79 -8.53 0.33
N LYS A 101 18.97 -7.59 -0.14
CA LYS A 101 19.06 -6.18 0.23
C LYS A 101 17.71 -5.78 0.81
N THR A 102 17.72 -4.98 1.88
CA THR A 102 16.48 -4.53 2.51
C THR A 102 16.54 -3.06 2.85
N VAL A 103 15.37 -2.42 2.82
CA VAL A 103 15.21 -1.06 3.33
C VAL A 103 13.72 -0.86 3.64
N VAL A 104 13.41 -0.24 4.77
CA VAL A 104 12.01 -0.06 5.16
C VAL A 104 11.48 1.33 4.80
N HIS A 105 10.37 1.33 4.06
CA HIS A 105 9.66 2.55 3.73
C HIS A 105 8.37 2.64 4.56
N LEU A 106 8.23 3.75 5.29
CA LEU A 106 6.95 4.08 5.93
C LEU A 106 6.04 4.78 4.93
N HIS A 107 5.11 4.01 4.36
CA HIS A 107 4.23 4.48 3.30
C HIS A 107 3.21 5.48 3.84
N GLY A 108 3.25 6.70 3.29
CA GLY A 108 2.42 7.80 3.79
C GLY A 108 3.16 8.68 4.80
N GLY A 109 4.37 8.27 5.17
CA GLY A 109 5.14 9.01 6.18
C GLY A 109 5.59 10.36 5.65
N VAL A 110 5.33 11.40 6.43
CA VAL A 110 5.95 12.72 6.19
C VAL A 110 7.32 12.66 6.86
N THR A 111 8.31 12.28 6.05
CA THR A 111 9.56 11.75 6.58
C THR A 111 10.75 12.41 5.89
N PRO A 112 11.77 12.84 6.67
CA PRO A 112 13.02 13.32 6.07
C PRO A 112 13.56 12.29 5.10
N ASP A 113 14.17 12.75 4.02
CA ASP A 113 14.50 11.87 2.90
C ASP A 113 15.39 10.66 3.24
N ASP A 114 16.31 10.82 4.19
CA ASP A 114 17.21 9.71 4.51
C ASP A 114 16.59 8.68 5.45
N SER A 115 15.37 8.97 5.91
CA SER A 115 14.56 8.03 6.68
C SER A 115 13.34 7.54 5.90
N ASP A 116 13.23 7.93 4.64
CA ASP A 116 12.08 7.53 3.81
C ASP A 116 12.19 6.11 3.22
N GLY A 117 13.39 5.54 3.24
CA GLY A 117 13.57 4.19 2.70
C GLY A 117 13.77 4.21 1.19
N TYR A 118 14.66 5.08 0.73
CA TYR A 118 15.01 5.19 -0.68
C TYR A 118 15.46 3.82 -1.20
N PRO A 119 15.04 3.43 -2.43
CA PRO A 119 15.33 2.09 -2.93
C PRO A 119 16.82 1.73 -2.94
N GLU A 120 17.67 2.76 -3.07
CA GLU A 120 19.12 2.57 -3.09
C GLU A 120 19.79 2.91 -1.75
N ALA A 121 18.98 3.07 -0.71
CA ALA A 121 19.45 3.22 0.66
C ALA A 121 19.39 1.86 1.39
N TRP A 122 19.44 0.78 0.62
CA TRP A 122 19.35 -0.58 1.14
C TRP A 122 20.54 -0.96 2.01
N PHE A 123 20.38 -2.04 2.77
CA PHE A 123 21.43 -2.58 3.60
C PHE A 123 21.29 -4.10 3.67
N SER A 124 22.42 -4.78 3.79
CA SER A 124 22.41 -6.22 3.99
C SER A 124 22.43 -6.52 5.50
N LYS A 125 22.56 -7.80 5.87
CA LYS A 125 22.54 -8.22 7.27
C LYS A 125 23.54 -7.43 8.11
N ASP A 126 23.07 -6.93 9.27
CA ASP A 126 23.87 -6.14 10.21
C ASP A 126 24.51 -4.89 9.57
N PHE A 127 23.89 -4.36 8.52
CA PHE A 127 24.42 -3.21 7.76
C PHE A 127 25.84 -3.43 7.22
N GLU A 128 26.20 -4.68 6.94
CA GLU A 128 27.55 -4.99 6.47
C GLU A 128 27.85 -4.29 5.15
N GLN A 129 26.91 -4.40 4.21
CA GLN A 129 26.98 -3.65 2.98
C GLN A 129 25.77 -2.72 2.87
N THR A 130 25.99 -1.53 2.33
CA THR A 130 24.92 -0.55 2.19
C THR A 130 24.91 0.06 0.80
N GLY A 131 23.72 0.39 0.32
CA GLY A 131 23.55 1.04 -0.98
C GLY A 131 24.13 2.44 -1.06
N PRO A 132 24.29 2.97 -2.27
CA PRO A 132 24.93 4.28 -2.49
C PRO A 132 24.19 5.48 -1.86
N TYR A 133 22.91 5.33 -1.50
CA TYR A 133 22.17 6.43 -0.88
C TYR A 133 21.88 6.22 0.61
N PHE A 134 22.46 5.17 1.19
CA PHE A 134 22.32 4.89 2.62
C PHE A 134 22.97 5.99 3.43
N LYS A 135 22.29 6.47 4.47
CA LYS A 135 22.89 7.46 5.37
C LYS A 135 22.86 7.07 6.84
N ARG A 136 21.84 6.32 7.27
CA ARG A 136 21.59 6.12 8.70
C ARG A 136 20.93 4.80 9.05
N GLU A 137 21.27 4.27 10.22
CA GLU A 137 20.66 3.03 10.71
C GLU A 137 19.29 3.25 11.35
N VAL A 138 19.15 4.35 12.09
CA VAL A 138 17.97 4.58 12.89
C VAL A 138 17.14 5.65 12.20
N TYR A 139 15.99 5.22 11.67
CA TYR A 139 15.09 6.09 10.92
C TYR A 139 14.27 7.00 11.83
N HIS A 140 14.00 8.22 11.38
CA HIS A 140 13.36 9.28 12.17
C HIS A 140 12.01 9.62 11.58
N TYR A 141 10.96 9.41 12.37
CA TYR A 141 9.59 9.71 11.97
C TYR A 141 9.01 10.79 12.90
N PRO A 142 9.09 12.07 12.48
CA PRO A 142 8.54 13.15 13.29
C PRO A 142 7.01 13.15 13.39
N ASN A 143 6.33 12.49 12.45
CA ASN A 143 4.86 12.33 12.50
C ASN A 143 4.11 13.65 12.57
N GLN A 144 4.64 14.67 11.88
CA GLN A 144 4.01 15.97 11.84
C GLN A 144 3.07 16.05 10.67
N GLN A 145 1.94 15.37 10.85
CA GLN A 145 1.00 15.14 9.77
C GLN A 145 -0.33 14.68 10.35
N ARG A 146 -1.38 14.71 9.52
CA ARG A 146 -2.71 14.25 9.90
C ARG A 146 -2.72 12.82 10.39
N GLY A 147 -3.54 12.56 11.42
CA GLY A 147 -3.82 11.18 11.83
C GLY A 147 -4.31 10.42 10.62
N ALA A 148 -3.84 9.18 10.46
CA ALA A 148 -4.13 8.39 9.27
C ALA A 148 -3.63 6.95 9.40
N ILE A 149 -4.07 6.11 8.46
CA ILE A 149 -3.53 4.74 8.33
C ILE A 149 -2.33 4.77 7.42
N LEU A 150 -1.17 4.45 7.99
CA LEU A 150 0.03 4.28 7.20
C LEU A 150 0.39 2.80 7.27
N TRP A 151 1.42 2.41 6.54
CA TRP A 151 1.90 1.04 6.59
C TRP A 151 3.35 1.04 6.17
N TYR A 152 4.09 0.04 6.64
CA TYR A 152 5.51 0.00 6.35
C TYR A 152 5.82 -1.28 5.61
N HIS A 153 6.76 -1.20 4.67
CA HIS A 153 7.09 -2.33 3.83
C HIS A 153 8.50 -2.18 3.27
N ASP A 154 9.05 -3.28 2.79
CA ASP A 154 10.37 -3.24 2.18
C ASP A 154 10.32 -2.45 0.87
N HIS A 155 11.39 -1.72 0.56
CA HIS A 155 11.44 -0.89 -0.64
C HIS A 155 12.77 -1.05 -1.41
N ALA A 156 13.46 -2.18 -1.22
CA ALA A 156 14.81 -2.36 -1.80
C ALA A 156 14.82 -2.46 -3.32
N MET A 157 15.75 -1.73 -3.94
CA MET A 157 15.92 -1.67 -5.39
C MET A 157 15.83 -3.05 -6.06
N ALA A 158 14.93 -3.19 -7.04
CA ALA A 158 14.75 -4.43 -7.83
C ALA A 158 14.30 -5.67 -7.04
N LEU A 159 13.94 -5.49 -5.77
CA LEU A 159 13.59 -6.62 -4.90
CA LEU A 159 13.60 -6.62 -4.89
C LEU A 159 12.27 -6.46 -4.14
N THR A 160 11.60 -5.32 -4.35
CA THR A 160 10.40 -4.97 -3.60
CA THR A 160 10.38 -4.98 -3.59
C THR A 160 9.29 -6.02 -3.75
N ARG A 161 9.06 -6.50 -4.97
CA ARG A 161 8.00 -7.48 -5.23
C ARG A 161 8.25 -8.78 -4.48
N LEU A 162 9.52 -9.11 -4.30
CA LEU A 162 9.93 -10.35 -3.63
C LEU A 162 9.94 -10.20 -2.12
N ASN A 163 10.53 -9.11 -1.64
CA ASN A 163 10.65 -8.88 -0.19
C ASN A 163 9.30 -8.64 0.48
N VAL A 164 8.40 -7.92 -0.22
CA VAL A 164 7.05 -7.69 0.29
C VAL A 164 6.24 -9.00 0.24
N TYR A 165 6.34 -9.73 -0.87
CA TYR A 165 5.66 -11.03 -0.98
C TYR A 165 6.13 -12.01 0.10
N ALA A 166 7.42 -11.95 0.42
CA ALA A 166 8.01 -12.76 1.50
C ALA A 166 7.34 -12.55 2.86
N GLY A 167 6.78 -11.36 3.07
CA GLY A 167 5.99 -11.07 4.27
C GLY A 167 6.39 -9.78 4.98
N LEU A 168 7.23 -8.97 4.34
CA LEU A 168 7.72 -7.76 5.01
C LEU A 168 6.74 -6.59 4.83
N VAL A 169 5.67 -6.65 5.62
CA VAL A 169 4.63 -5.61 5.69
C VAL A 169 4.12 -5.46 7.12
N GLY A 170 3.70 -4.26 7.49
CA GLY A 170 3.02 -4.04 8.78
C GLY A 170 2.24 -2.74 8.77
N ALA A 171 1.37 -2.57 9.76
CA ALA A 171 0.53 -1.37 9.90
C ALA A 171 1.18 -0.35 10.82
N TYR A 172 0.93 0.92 10.55
CA TYR A 172 1.47 2.01 11.35
C TYR A 172 0.37 3.06 11.44
N ILE A 173 -0.13 3.31 12.64
CA ILE A 173 -1.29 4.18 12.78
C ILE A 173 -0.89 5.43 13.52
N ILE A 174 -1.20 6.59 12.93
CA ILE A 174 -1.02 7.88 13.60
C ILE A 174 -2.32 8.35 14.22
N HIS A 175 -2.28 8.59 15.53
CA HIS A 175 -3.45 9.04 16.29
C HIS A 175 -3.32 10.53 16.60
N ASP A 176 -4.23 11.33 16.08
CA ASP A 176 -4.28 12.75 16.40
C ASP A 176 -5.26 12.92 17.58
N PRO A 177 -4.77 13.37 18.75
CA PRO A 177 -5.65 13.51 19.92
C PRO A 177 -6.87 14.42 19.68
N LYS A 178 -6.79 15.29 18.66
CA LYS A 178 -7.92 16.14 18.29
C LYS A 178 -9.10 15.35 17.70
N GLU A 179 -8.85 14.12 17.26
CA GLU A 179 -9.85 13.22 16.65
CA GLU A 179 -9.92 13.32 16.66
C GLU A 179 -10.70 12.53 17.72
N LYS A 180 -10.17 12.47 18.94
CA LYS A 180 -10.79 11.75 20.06
C LYS A 180 -12.23 12.21 20.31
N ARG A 181 -12.46 13.50 20.13
CA ARG A 181 -13.79 14.10 20.38
C ARG A 181 -14.88 13.55 19.46
N LEU A 182 -14.49 12.98 18.32
CA LEU A 182 -15.44 12.38 17.37
C LEU A 182 -16.04 11.08 17.90
N LYS A 183 -15.40 10.48 18.90
CA LYS A 183 -15.82 9.22 19.53
C LYS A 183 -15.98 8.05 18.57
N LEU A 184 -15.11 7.98 17.57
CA LEU A 184 -15.10 6.85 16.63
C LEU A 184 -14.79 5.55 17.37
N PRO A 185 -15.20 4.39 16.81
CA PRO A 185 -14.86 3.14 17.52
C PRO A 185 -13.36 3.06 17.80
N SER A 186 -12.99 2.66 19.01
CA SER A 186 -11.60 2.67 19.43
C SER A 186 -11.18 1.39 20.14
N ASP A 187 -9.89 1.27 20.41
CA ASP A 187 -9.31 0.17 21.18
C ASP A 187 -9.59 -1.16 20.49
N GLU A 188 -10.28 -2.09 21.16
CA GLU A 188 -10.51 -3.40 20.55
C GLU A 188 -11.49 -3.36 19.37
N TYR A 189 -12.20 -2.24 19.25
CA TYR A 189 -13.20 -2.03 18.19
C TYR A 189 -12.61 -1.23 17.02
N ASP A 190 -11.29 -1.14 17.00
CA ASP A 190 -10.54 -0.46 15.94
C ASP A 190 -9.45 -1.45 15.50
N VAL A 191 -9.64 -2.05 14.33
CA VAL A 191 -8.89 -3.25 13.92
C VAL A 191 -8.31 -3.11 12.51
N PRO A 192 -6.99 -3.24 12.37
CA PRO A 192 -6.39 -3.22 11.03
C PRO A 192 -6.73 -4.50 10.29
N LEU A 193 -6.97 -4.37 8.97
CA LEU A 193 -7.15 -5.51 8.09
C LEU A 193 -6.16 -5.40 6.93
N LEU A 194 -5.05 -6.11 7.05
CA LEU A 194 -4.02 -6.12 6.00
C LEU A 194 -4.29 -7.29 5.08
N ILE A 195 -4.66 -6.97 3.83
CA ILE A 195 -5.06 -7.98 2.87
C ILE A 195 -3.92 -8.27 1.90
N THR A 196 -3.56 -9.55 1.82
CA THR A 196 -2.47 -10.00 0.97
C THR A 196 -2.90 -11.28 0.28
N ASP A 197 -2.81 -11.31 -1.05
CA ASP A 197 -3.08 -12.54 -1.76
C ASP A 197 -1.77 -13.32 -1.92
N ARG A 198 -1.89 -14.64 -1.88
CA ARG A 198 -0.73 -15.54 -1.90
C ARG A 198 -1.13 -16.79 -2.66
N THR A 199 -0.13 -17.45 -3.24
CA THR A 199 -0.27 -18.81 -3.73
C THR A 199 0.64 -19.65 -2.87
N ILE A 200 0.09 -20.74 -2.33
CA ILE A 200 0.76 -21.56 -1.34
C ILE A 200 0.81 -23.00 -1.84
N ASN A 201 2.01 -23.60 -1.83
CA ASN A 201 2.18 -25.00 -2.23
C ASN A 201 1.60 -25.98 -1.20
N GLU A 202 1.38 -27.22 -1.62
CA GLU A 202 0.89 -28.30 -0.74
C GLU A 202 1.73 -28.47 0.53
N ASP A 203 3.05 -28.33 0.41
CA ASP A 203 3.94 -28.47 1.55
C ASP A 203 3.99 -27.22 2.43
N GLY A 204 3.14 -26.25 2.12
CA GLY A 204 3.03 -25.02 2.92
C GLY A 204 3.94 -23.89 2.49
N SER A 205 4.88 -24.15 1.59
CA SER A 205 5.81 -23.12 1.09
C SER A 205 5.12 -22.12 0.17
N LEU A 206 5.56 -20.86 0.23
CA LEU A 206 5.06 -19.83 -0.67
C LEU A 206 5.46 -20.17 -2.09
N PHE A 207 4.51 -20.00 -3.02
CA PHE A 207 4.81 -20.06 -4.43
C PHE A 207 4.87 -18.65 -4.99
N TYR A 208 5.95 -18.36 -5.70
CA TYR A 208 6.06 -17.14 -6.50
C TYR A 208 6.71 -17.55 -7.82
N PRO A 209 6.14 -17.11 -8.96
CA PRO A 209 6.59 -17.61 -10.27
C PRO A 209 8.04 -17.29 -10.61
N SER A 210 8.73 -18.29 -11.15
CA SER A 210 10.10 -18.17 -11.65
C SER A 210 10.15 -17.56 -13.03
N ALA A 211 9.01 -17.58 -13.73
CA ALA A 211 8.90 -17.07 -15.09
C ALA A 211 7.42 -16.98 -15.47
N PRO A 212 7.10 -16.26 -16.57
CA PRO A 212 5.75 -16.30 -17.11
C PRO A 212 5.35 -17.72 -17.49
N GLU A 213 4.05 -17.99 -17.52
CA GLU A 213 3.55 -19.30 -17.95
C GLU A 213 3.89 -19.52 -19.42
N ASN A 214 4.20 -20.77 -19.77
CA ASN A 214 4.71 -21.10 -21.11
C ASN A 214 5.76 -20.09 -21.56
N PRO A 215 6.95 -20.10 -20.91
CA PRO A 215 7.95 -19.08 -21.19
C PRO A 215 8.63 -19.23 -22.55
N SER A 216 8.76 -18.11 -23.25
CA SER A 216 9.60 -18.04 -24.44
C SER A 216 11.03 -18.48 -24.08
N PRO A 217 11.67 -19.27 -24.96
CA PRO A 217 13.08 -19.65 -24.76
C PRO A 217 14.02 -18.44 -24.68
N SER A 218 13.60 -17.31 -25.25
CA SER A 218 14.38 -16.06 -25.21
C SER A 218 14.49 -15.46 -23.79
N LEU A 219 13.70 -15.98 -22.85
CA LEU A 219 13.63 -15.45 -21.49
C LEU A 219 14.77 -15.95 -20.61
N PRO A 220 15.27 -15.08 -19.71
CA PRO A 220 16.18 -15.56 -18.68
C PRO A 220 15.42 -16.37 -17.62
N ASN A 221 16.17 -17.05 -16.76
CA ASN A 221 15.60 -17.91 -15.73
C ASN A 221 16.39 -17.75 -14.44
N PRO A 222 15.75 -17.21 -13.37
CA PRO A 222 14.37 -16.72 -13.32
C PRO A 222 14.11 -15.46 -14.16
N SER A 223 12.85 -15.19 -14.43
CA SER A 223 12.43 -13.96 -15.08
C SER A 223 11.33 -13.28 -14.26
N ILE A 224 11.43 -11.96 -14.13
CA ILE A 224 10.34 -11.13 -13.60
C ILE A 224 9.08 -11.37 -14.43
N VAL A 225 7.92 -11.31 -13.78
CA VAL A 225 6.62 -11.39 -14.44
C VAL A 225 5.93 -10.01 -14.33
N PRO A 226 5.05 -9.66 -15.29
CA PRO A 226 4.50 -8.30 -15.25
C PRO A 226 3.33 -8.08 -14.27
N ALA A 227 2.87 -9.17 -13.67
CA ALA A 227 1.74 -9.14 -12.72
C ALA A 227 1.75 -10.45 -11.98
N PHE A 228 1.21 -10.45 -10.76
CA PHE A 228 1.05 -11.67 -9.98
C PHE A 228 -0.33 -11.69 -9.30
N CYS A 229 -1.09 -12.75 -9.56
CA CYS A 229 -2.38 -12.96 -8.90
C CYS A 229 -2.35 -14.23 -8.04
N GLY A 230 -2.48 -14.05 -6.73
CA GLY A 230 -2.43 -15.17 -5.79
C GLY A 230 -3.72 -15.96 -5.79
N GLU A 231 -3.62 -17.27 -5.57
CA GLU A 231 -4.79 -18.15 -5.57
C GLU A 231 -5.62 -18.04 -4.30
N THR A 232 -5.00 -17.58 -3.21
CA THR A 232 -5.64 -17.50 -1.92
C THR A 232 -5.55 -16.08 -1.35
N ILE A 233 -6.56 -15.69 -0.57
CA ILE A 233 -6.58 -14.38 0.10
C ILE A 233 -6.34 -14.55 1.59
N LEU A 234 -5.42 -13.76 2.13
CA LEU A 234 -5.16 -13.72 3.56
C LEU A 234 -5.52 -12.35 4.11
N VAL A 235 -5.94 -12.32 5.37
CA VAL A 235 -6.06 -11.09 6.12
C VAL A 235 -5.28 -11.28 7.40
N ASN A 236 -4.43 -10.30 7.72
CA ASN A 236 -3.55 -10.39 8.89
C ASN A 236 -2.82 -11.73 9.00
N GLY A 237 -2.35 -12.23 7.86
CA GLY A 237 -1.50 -13.42 7.82
C GLY A 237 -2.20 -14.77 7.98
N LYS A 238 -3.53 -14.79 7.87
CA LYS A 238 -4.29 -16.06 7.84
C LYS A 238 -5.14 -16.13 6.58
N VAL A 239 -5.17 -17.32 5.98
CA VAL A 239 -6.03 -17.60 4.84
C VAL A 239 -7.51 -17.52 5.23
N TRP A 240 -8.30 -16.82 4.40
CA TRP A 240 -9.76 -16.68 4.59
C TRP A 240 -10.22 -16.86 6.04
N PRO A 241 -9.87 -15.89 6.92
CA PRO A 241 -10.16 -16.07 8.34
C PRO A 241 -11.57 -15.61 8.70
N TYR A 242 -12.00 -15.91 9.92
CA TYR A 242 -13.21 -15.33 10.48
C TYR A 242 -12.84 -14.40 11.64
N LEU A 243 -13.68 -13.41 11.89
CA LEU A 243 -13.52 -12.59 13.07
C LEU A 243 -14.84 -12.54 13.81
N GLU A 244 -14.81 -12.93 15.09
CA GLU A 244 -15.99 -12.79 15.93
C GLU A 244 -16.07 -11.35 16.39
N VAL A 245 -17.20 -10.71 16.06
CA VAL A 245 -17.44 -9.31 16.42
C VAL A 245 -18.67 -9.17 17.34
N GLU A 246 -18.66 -8.12 18.16
CA GLU A 246 -19.83 -7.73 18.96
C GLU A 246 -20.88 -7.05 18.07
N PRO A 247 -22.18 -7.14 18.45
CA PRO A 247 -23.19 -6.47 17.64
C PRO A 247 -23.19 -4.95 17.91
N ARG A 248 -22.25 -4.24 17.26
CA ARG A 248 -22.03 -2.82 17.49
C ARG A 248 -21.09 -2.27 16.42
N LYS A 249 -20.77 -0.99 16.51
CA LYS A 249 -19.88 -0.35 15.54
C LYS A 249 -18.40 -0.69 15.72
N TYR A 250 -17.75 -1.06 14.62
CA TYR A 250 -16.30 -1.29 14.55
C TYR A 250 -15.69 -0.33 13.54
N ARG A 251 -14.45 0.07 13.82
CA ARG A 251 -13.61 0.80 12.87
C ARG A 251 -12.61 -0.21 12.29
N PHE A 252 -12.49 -0.28 10.97
CA PHE A 252 -11.47 -1.12 10.34
C PHE A 252 -10.50 -0.28 9.50
N ARG A 253 -9.21 -0.55 9.68
CA ARG A 253 -8.16 0.10 8.88
C ARG A 253 -7.76 -0.86 7.76
N VAL A 254 -8.38 -0.69 6.60
CA VAL A 254 -8.23 -1.63 5.51
C VAL A 254 -7.04 -1.25 4.62
N ILE A 255 -6.06 -2.15 4.55
CA ILE A 255 -4.81 -1.90 3.85
C ILE A 255 -4.66 -2.96 2.76
N ASN A 256 -4.52 -2.57 1.51
CA ASN A 256 -4.18 -3.53 0.46
C ASN A 256 -2.66 -3.67 0.42
N ALA A 257 -2.17 -4.78 0.96
CA ALA A 257 -0.74 -5.02 1.02
C ALA A 257 -0.31 -6.08 -0.01
N SER A 258 -1.13 -6.21 -1.06
CA SER A 258 -0.88 -7.14 -2.16
C SER A 258 0.04 -6.56 -3.24
N ASN A 259 0.76 -7.43 -3.93
CA ASN A 259 1.70 -7.03 -4.97
C ASN A 259 1.04 -6.35 -6.16
N THR A 260 -0.02 -6.97 -6.68
CA THR A 260 -0.68 -6.57 -7.93
C THR A 260 -2.18 -6.38 -7.77
N ARG A 261 -2.80 -7.26 -6.98
CA ARG A 261 -4.25 -7.43 -6.94
C ARG A 261 -5.03 -6.22 -6.43
N THR A 262 -6.06 -5.85 -7.18
CA THR A 262 -7.04 -4.87 -6.74
C THR A 262 -8.30 -5.61 -6.27
N TYR A 263 -8.87 -5.16 -5.16
CA TYR A 263 -10.08 -5.76 -4.60
C TYR A 263 -11.26 -4.82 -4.86
N ASN A 264 -12.44 -5.37 -5.08
CA ASN A 264 -13.64 -4.55 -5.00
C ASN A 264 -14.54 -5.15 -3.93
N LEU A 265 -14.56 -4.48 -2.79
CA LEU A 265 -15.10 -5.06 -1.56
C LEU A 265 -16.56 -4.71 -1.31
N SER A 266 -17.30 -5.70 -0.81
CA SER A 266 -18.68 -5.51 -0.39
C SER A 266 -19.01 -6.49 0.74
N LEU A 267 -20.22 -6.39 1.28
CA LEU A 267 -20.70 -7.34 2.29
C LEU A 267 -21.80 -8.18 1.65
N ASP A 268 -21.73 -9.50 1.87
CA ASP A 268 -22.59 -10.42 1.14
C ASP A 268 -24.08 -10.36 1.54
N ASN A 269 -24.37 -9.71 2.66
CA ASN A 269 -25.75 -9.43 3.05
C ASN A 269 -26.27 -8.11 2.46
N GLY A 270 -25.42 -7.42 1.71
CA GLY A 270 -25.78 -6.16 1.08
C GLY A 270 -25.69 -4.94 1.99
N GLY A 271 -25.18 -5.13 3.21
CA GLY A 271 -24.99 -4.02 4.15
C GLY A 271 -23.96 -3.00 3.65
N ASP A 272 -23.99 -1.82 4.26
CA ASP A 272 -23.12 -0.71 3.86
C ASP A 272 -21.85 -0.61 4.71
N PHE A 273 -20.80 -0.03 4.13
CA PHE A 273 -19.68 0.49 4.91
C PHE A 273 -19.93 1.99 5.07
N ILE A 274 -19.33 2.57 6.10
CA ILE A 274 -19.26 4.02 6.20
C ILE A 274 -17.76 4.36 6.11
N GLN A 275 -17.35 5.00 5.04
CA GLN A 275 -15.95 5.43 4.93
C GLN A 275 -15.77 6.72 5.69
N ILE A 276 -14.78 6.73 6.57
CA ILE A 276 -14.43 7.93 7.33
C ILE A 276 -13.04 8.49 6.95
N GLY A 277 -12.23 7.69 6.26
CA GLY A 277 -10.88 8.10 5.90
C GLY A 277 -10.32 7.47 4.65
N SER A 278 -9.36 8.17 4.04
CA SER A 278 -8.60 7.73 2.87
C SER A 278 -7.12 7.67 3.27
N ASP A 279 -6.22 7.43 2.32
CA ASP A 279 -4.75 7.36 2.59
C ASP A 279 -4.24 8.48 3.49
N GLY A 280 -4.62 9.72 3.16
CA GLY A 280 -4.13 10.91 3.85
C GLY A 280 -4.88 11.35 5.09
N GLY A 281 -5.85 10.55 5.54
CA GLY A 281 -6.55 10.83 6.79
C GLY A 281 -8.05 10.92 6.63
N LEU A 282 -8.71 11.52 7.62
CA LEU A 282 -10.17 11.64 7.61
C LEU A 282 -10.66 12.43 6.41
N LEU A 283 -11.69 11.91 5.77
CA LEU A 283 -12.45 12.63 4.77
C LEU A 283 -13.13 13.82 5.45
N PRO A 284 -13.51 14.84 4.66
CA PRO A 284 -14.27 15.95 5.26
C PRO A 284 -15.64 15.49 5.79
N ARG A 285 -16.32 14.63 5.02
CA ARG A 285 -17.62 14.06 5.39
C ARG A 285 -17.58 12.54 5.27
N SER A 286 -18.24 11.83 6.19
CA SER A 286 -18.38 10.38 6.08
C SER A 286 -19.17 10.05 4.81
N VAL A 287 -18.92 8.87 4.24
CA VAL A 287 -19.58 8.43 3.01
C VAL A 287 -20.13 7.01 3.16
N LYS A 288 -21.45 6.86 2.98
CA LYS A 288 -22.06 5.54 2.94
C LYS A 288 -21.79 4.88 1.60
N LEU A 289 -21.27 3.66 1.64
CA LEU A 289 -20.85 2.95 0.45
C LEU A 289 -21.35 1.52 0.52
N ASN A 290 -21.78 0.99 -0.63
CA ASN A 290 -22.18 -0.41 -0.76
C ASN A 290 -20.96 -1.28 -1.14
N SER A 291 -19.99 -0.64 -1.80
CA SER A 291 -18.76 -1.29 -2.24
C SER A 291 -17.65 -0.26 -2.43
N PHE A 292 -16.41 -0.72 -2.49
CA PHE A 292 -15.27 0.14 -2.85
C PHE A 292 -14.13 -0.63 -3.50
N SER A 293 -13.44 0.06 -4.42
CA SER A 293 -12.25 -0.45 -5.06
C SER A 293 -11.05 -0.16 -4.18
N LEU A 294 -10.14 -1.12 -4.07
CA LEU A 294 -8.94 -0.93 -3.26
C LEU A 294 -7.74 -1.50 -4.01
N ALA A 295 -6.96 -0.62 -4.64
CA ALA A 295 -5.79 -1.06 -5.40
C ALA A 295 -4.60 -1.23 -4.44
N PRO A 296 -3.51 -1.89 -4.90
CA PRO A 296 -2.34 -1.99 -4.02
C PRO A 296 -1.95 -0.66 -3.37
N ALA A 297 -1.70 -0.72 -2.06
CA ALA A 297 -1.22 0.42 -1.26
C ALA A 297 -2.28 1.44 -0.85
N GLU A 298 -3.49 1.36 -1.40
CA GLU A 298 -4.59 2.23 -0.93
C GLU A 298 -5.06 1.78 0.44
N ARG A 299 -5.56 2.74 1.22
CA ARG A 299 -6.13 2.44 2.53
C ARG A 299 -7.52 3.06 2.64
N TYR A 300 -8.44 2.27 3.20
CA TYR A 300 -9.77 2.74 3.54
C TYR A 300 -9.96 2.68 5.05
N ASP A 301 -10.34 3.80 5.64
CA ASP A 301 -10.69 3.84 7.04
C ASP A 301 -12.22 3.81 7.06
N ILE A 302 -12.79 2.72 7.57
CA ILE A 302 -14.23 2.48 7.48
C ILE A 302 -14.86 2.08 8.82
N ILE A 303 -16.17 2.33 8.95
CA ILE A 303 -16.95 1.81 10.05
C ILE A 303 -17.92 0.79 9.48
N ILE A 304 -18.04 -0.38 10.13
CA ILE A 304 -19.11 -1.32 9.85
C ILE A 304 -19.96 -1.45 11.11
N ASP A 305 -21.27 -1.27 10.96
CA ASP A 305 -22.19 -1.31 12.09
C ASP A 305 -22.90 -2.68 12.10
N PHE A 306 -22.50 -3.51 13.05
CA PHE A 306 -23.04 -4.86 13.21
C PHE A 306 -24.24 -4.91 14.17
N THR A 307 -24.70 -3.75 14.64
CA THR A 307 -25.72 -3.66 15.66
C THR A 307 -26.98 -4.49 15.31
N ALA A 308 -27.44 -4.38 14.07
CA ALA A 308 -28.68 -5.03 13.63
C ALA A 308 -28.46 -6.45 13.10
N TYR A 309 -27.24 -6.96 13.26
CA TYR A 309 -26.86 -8.23 12.62
C TYR A 309 -26.37 -9.31 13.57
N GLU A 310 -26.81 -9.25 14.83
CA GLU A 310 -26.42 -10.22 15.84
C GLU A 310 -26.74 -11.65 15.40
N GLY A 311 -25.78 -12.55 15.65
CA GLY A 311 -25.88 -13.96 15.28
C GLY A 311 -25.38 -14.27 13.88
N GLU A 312 -25.37 -13.26 13.01
CA GLU A 312 -25.15 -13.49 11.59
C GLU A 312 -23.69 -13.68 11.20
N SER A 313 -23.49 -14.46 10.13
CA SER A 313 -22.20 -14.58 9.47
C SER A 313 -22.27 -13.77 8.17
N ILE A 314 -21.37 -12.79 8.07
CA ILE A 314 -21.32 -11.88 6.93
C ILE A 314 -19.96 -11.99 6.25
N ILE A 315 -19.95 -12.29 4.96
CA ILE A 315 -18.70 -12.42 4.22
C ILE A 315 -18.30 -11.07 3.62
N LEU A 316 -17.05 -10.66 3.87
CA LEU A 316 -16.43 -9.58 3.14
C LEU A 316 -16.03 -10.15 1.78
N ALA A 317 -16.77 -9.74 0.75
CA ALA A 317 -16.67 -10.32 -0.58
C ALA A 317 -15.89 -9.43 -1.54
N ASN A 318 -15.44 -10.01 -2.63
CA ASN A 318 -14.61 -9.35 -3.63
C ASN A 318 -15.14 -9.71 -5.01
N SER A 319 -15.33 -8.69 -5.86
CA SER A 319 -15.88 -8.87 -7.21
C SER A 319 -14.86 -8.60 -8.31
N ALA A 320 -13.69 -8.07 -7.94
CA ALA A 320 -12.65 -7.75 -8.91
C ALA A 320 -11.82 -8.98 -9.29
N GLY A 321 -11.73 -9.24 -10.58
CA GLY A 321 -10.89 -10.33 -11.07
C GLY A 321 -9.42 -9.97 -11.07
N CYS A 322 -8.58 -10.99 -11.09
CA CYS A 322 -7.14 -10.82 -11.23
C CYS A 322 -6.65 -11.87 -12.20
N GLY A 323 -6.42 -11.44 -13.45
CA GLY A 323 -6.04 -12.35 -14.54
C GLY A 323 -7.22 -13.18 -15.01
N GLY A 324 -8.43 -12.68 -14.75
CA GLY A 324 -9.67 -13.39 -15.06
C GLY A 324 -10.79 -12.96 -14.12
N ASP A 325 -11.97 -13.56 -14.28
CA ASP A 325 -13.10 -13.28 -13.40
C ASP A 325 -12.88 -13.94 -12.03
N VAL A 326 -13.50 -13.38 -10.99
CA VAL A 326 -13.39 -13.95 -9.64
C VAL A 326 -14.02 -15.34 -9.59
N ASN A 327 -13.38 -16.20 -8.80
CA ASN A 327 -13.91 -17.51 -8.50
C ASN A 327 -14.69 -17.44 -7.18
N PRO A 328 -16.02 -17.69 -7.23
CA PRO A 328 -16.92 -17.66 -6.07
C PRO A 328 -16.43 -18.52 -4.89
N GLU A 329 -15.65 -19.55 -5.19
CA GLU A 329 -15.17 -20.47 -4.17
C GLU A 329 -13.86 -20.02 -3.54
N THR A 330 -13.12 -19.15 -4.23
CA THR A 330 -11.80 -18.74 -3.75
C THR A 330 -11.69 -17.22 -3.59
N ASP A 331 -11.16 -16.52 -4.59
CA ASP A 331 -10.79 -15.11 -4.44
C ASP A 331 -11.97 -14.12 -4.38
N ALA A 332 -13.20 -14.63 -4.51
CA ALA A 332 -14.39 -13.82 -4.26
C ALA A 332 -14.62 -13.61 -2.75
N ASN A 333 -13.87 -14.36 -1.95
CA ASN A 333 -13.96 -14.30 -0.50
C ASN A 333 -12.72 -13.64 0.10
N ILE A 334 -12.94 -12.74 1.06
CA ILE A 334 -11.84 -12.13 1.80
C ILE A 334 -11.79 -12.68 3.23
N MET A 335 -12.88 -12.45 3.97
CA MET A 335 -13.00 -12.93 5.34
C MET A 335 -14.47 -12.99 5.75
N GLN A 336 -14.72 -13.53 6.93
CA GLN A 336 -16.09 -13.69 7.41
C GLN A 336 -16.22 -13.07 8.79
N PHE A 337 -17.18 -12.17 8.96
CA PHE A 337 -17.52 -11.69 10.28
C PHE A 337 -18.61 -12.58 10.89
N ARG A 338 -18.45 -12.93 12.16
CA ARG A 338 -19.48 -13.66 12.89
C ARG A 338 -19.89 -12.78 14.05
N VAL A 339 -21.14 -12.30 14.04
CA VAL A 339 -21.59 -11.34 15.03
C VAL A 339 -22.09 -12.09 16.27
N THR A 340 -21.16 -12.76 16.94
CA THR A 340 -21.49 -13.67 18.04
C THR A 340 -20.74 -13.37 19.34
N LYS A 341 -19.94 -12.30 19.39
CA LYS A 341 -19.26 -11.90 20.62
C LYS A 341 -20.22 -11.11 21.51
N PRO A 342 -20.37 -11.51 22.78
CA PRO A 342 -21.24 -10.73 23.66
C PRO A 342 -20.67 -9.31 23.86
N LEU A 343 -21.56 -8.33 24.02
CA LEU A 343 -21.13 -6.94 24.26
C LEU A 343 -20.35 -6.80 25.56
N ALA A 344 -19.13 -6.25 25.49
CA ALA A 344 -18.32 -6.07 26.70
C ALA A 344 -18.79 -4.85 27.50
N GLN A 345 -19.42 -3.92 26.80
CA GLN A 345 -20.00 -2.71 27.39
C GLN A 345 -20.91 -2.07 26.34
N LYS A 346 -21.61 -1.02 26.73
CA LYS A 346 -22.43 -0.24 25.82
C LYS A 346 -21.57 0.29 24.68
N ASP A 347 -22.12 0.27 23.46
CA ASP A 347 -21.49 0.94 22.32
C ASP A 347 -21.65 2.44 22.46
N GLU A 348 -20.58 3.12 22.86
CA GLU A 348 -20.61 4.56 23.01
C GLU A 348 -19.90 5.28 21.87
N SER A 349 -19.56 4.51 20.83
CA SER A 349 -18.95 5.06 19.64
C SER A 349 -19.98 5.74 18.75
N ARG A 350 -19.49 6.59 17.87
CA ARG A 350 -20.34 7.38 16.99
C ARG A 350 -19.90 7.19 15.54
N LYS A 351 -20.80 7.49 14.62
CA LYS A 351 -20.48 7.52 13.19
C LYS A 351 -20.78 8.92 12.66
N PRO A 352 -20.02 9.94 13.11
CA PRO A 352 -20.38 11.32 12.80
C PRO A 352 -20.28 11.64 11.31
N LYS A 353 -21.11 12.58 10.86
CA LYS A 353 -21.08 13.04 9.47
C LYS A 353 -19.95 14.05 9.25
N TYR A 354 -19.74 14.94 10.20
CA TYR A 354 -18.78 16.03 10.04
C TYR A 354 -17.44 15.60 10.64
N LEU A 355 -16.45 15.39 9.78
CA LEU A 355 -15.21 14.76 10.22
C LEU A 355 -14.01 15.71 10.23
N ALA A 356 -13.77 16.40 9.12
CA ALA A 356 -12.57 17.22 8.97
C ALA A 356 -12.79 18.38 8.01
N SER A 357 -11.85 19.31 8.03
CA SER A 357 -11.84 20.42 7.08
CA SER A 357 -11.84 20.42 7.08
C SER A 357 -11.74 19.87 5.66
N TYR A 358 -12.39 20.55 4.72
CA TYR A 358 -12.28 20.20 3.32
C TYR A 358 -10.90 20.60 2.80
N PRO A 359 -10.29 19.76 1.95
CA PRO A 359 -9.05 20.14 1.25
C PRO A 359 -9.22 21.38 0.37
N SER A 360 -10.43 21.58 -0.17
CA SER A 360 -10.75 22.73 -1.03
C SER A 360 -10.68 24.09 -0.32
N VAL A 361 -10.69 24.08 1.01
CA VAL A 361 -10.52 25.29 1.82
C VAL A 361 -9.18 25.99 1.51
N GLN A 362 -8.16 25.18 1.21
CA GLN A 362 -6.85 25.71 0.83
C GLN A 362 -6.91 26.37 -0.55
N HIS A 363 -6.09 27.41 -0.73
CA HIS A 363 -6.07 28.18 -1.98
C HIS A 363 -4.62 28.45 -2.42
N GLU A 364 -3.89 27.40 -2.73
CA GLU A 364 -2.49 27.55 -3.13
C GLU A 364 -2.39 27.89 -4.61
N ARG A 365 -1.38 28.70 -4.94
CA ARG A 365 -1.10 29.05 -6.33
C ARG A 365 -0.47 27.86 -7.06
N ILE A 366 -0.93 27.61 -8.29
CA ILE A 366 -0.36 26.56 -9.12
C ILE A 366 0.96 27.03 -9.71
N GLN A 367 2.06 26.54 -9.14
CA GLN A 367 3.41 26.85 -9.55
C GLN A 367 3.77 26.19 -10.88
N ASN A 368 3.27 24.97 -11.08
CA ASN A 368 3.67 24.17 -12.24
C ASN A 368 2.59 23.15 -12.58
N ILE A 369 2.53 22.80 -13.87
CA ILE A 369 1.69 21.71 -14.34
C ILE A 369 2.59 20.71 -15.05
N ARG A 370 2.70 19.51 -14.49
CA ARG A 370 3.47 18.43 -15.08
C ARG A 370 2.58 17.47 -15.84
N THR A 371 2.94 17.21 -17.09
CA THR A 371 2.29 16.19 -17.87
C THR A 371 3.17 14.96 -17.83
N LEU A 372 2.58 13.83 -17.45
CA LEU A 372 3.31 12.58 -17.26
C LEU A 372 2.58 11.44 -17.94
N LYS A 373 3.32 10.62 -18.69
CA LYS A 373 2.69 9.49 -19.37
C LYS A 373 3.12 8.15 -18.78
N LEU A 374 2.20 7.19 -18.81
CA LEU A 374 2.47 5.84 -18.38
C LEU A 374 2.74 5.02 -19.64
N ALA A 375 4.00 4.65 -19.84
CA ALA A 375 4.43 4.06 -21.11
C ALA A 375 5.38 2.88 -20.91
N GLY A 376 6.39 2.79 -21.77
CA GLY A 376 7.35 1.71 -21.69
C GLY A 376 7.90 1.24 -23.02
N THR A 377 8.66 0.15 -22.96
CA THR A 377 9.34 -0.38 -24.12
C THR A 377 9.47 -1.89 -23.96
N GLN A 378 10.26 -2.51 -24.83
CA GLN A 378 10.46 -3.95 -24.80
C GLN A 378 11.95 -4.21 -24.70
N ASP A 379 12.36 -5.12 -23.81
CA ASP A 379 13.78 -5.42 -23.65
C ASP A 379 14.28 -6.46 -24.67
N GLU A 380 15.57 -6.78 -24.59
CA GLU A 380 16.24 -7.72 -25.50
C GLU A 380 15.66 -9.14 -25.44
N TYR A 381 14.91 -9.42 -24.37
CA TYR A 381 14.31 -10.74 -24.16
C TYR A 381 12.85 -10.80 -24.59
N GLY A 382 12.30 -9.67 -25.04
CA GLY A 382 10.90 -9.60 -25.46
C GLY A 382 9.92 -9.24 -24.35
N ARG A 383 10.45 -8.91 -23.17
CA ARG A 383 9.62 -8.58 -22.01
C ARG A 383 9.22 -7.10 -22.01
N PRO A 384 8.02 -6.79 -21.48
CA PRO A 384 7.64 -5.39 -21.32
C PRO A 384 8.40 -4.72 -20.17
N VAL A 385 8.93 -3.53 -20.42
CA VAL A 385 9.56 -2.72 -19.39
C VAL A 385 8.67 -1.50 -19.18
N LEU A 386 8.03 -1.42 -18.02
CA LEU A 386 7.05 -0.36 -17.78
C LEU A 386 7.77 0.90 -17.31
N LEU A 387 7.47 2.03 -17.94
CA LEU A 387 8.23 3.26 -17.74
C LEU A 387 7.33 4.47 -17.49
N LEU A 388 7.74 5.30 -16.54
CA LEU A 388 7.14 6.61 -16.35
C LEU A 388 7.87 7.57 -17.30
N ASN A 389 7.12 8.23 -18.18
CA ASN A 389 7.68 9.15 -19.21
C ASN A 389 8.76 8.57 -20.13
N ASN A 390 8.72 7.25 -20.34
CA ASN A 390 9.76 6.55 -21.10
C ASN A 390 11.17 6.82 -20.58
N LYS A 391 11.26 7.06 -19.28
CA LYS A 391 12.54 7.21 -18.58
C LYS A 391 12.74 6.02 -17.67
N ARG A 392 13.98 5.54 -17.61
CA ARG A 392 14.36 4.50 -16.66
C ARG A 392 14.58 5.12 -15.29
N TRP A 393 14.52 4.30 -14.25
CA TRP A 393 14.81 4.73 -12.89
C TRP A 393 16.14 5.50 -12.83
N HIS A 394 17.16 4.99 -13.53
CA HIS A 394 18.51 5.53 -13.44
C HIS A 394 18.78 6.76 -14.33
N ASP A 395 17.82 7.14 -15.15
CA ASP A 395 17.93 8.37 -15.95
C ASP A 395 17.92 9.59 -15.04
N PRO A 396 18.60 10.69 -15.46
CA PRO A 396 18.65 11.88 -14.60
C PRO A 396 17.24 12.35 -14.19
N VAL A 397 17.12 12.81 -12.96
CA VAL A 397 15.82 13.24 -12.39
C VAL A 397 15.18 14.34 -13.22
N THR A 398 13.87 14.23 -13.43
CA THR A 398 13.09 15.22 -14.17
C THR A 398 11.98 15.82 -13.33
N GLU A 399 11.45 15.07 -12.37
CA GLU A 399 10.39 15.58 -11.51
C GLU A 399 11.03 16.31 -10.34
N THR A 400 11.12 17.63 -10.45
CA THR A 400 11.88 18.44 -9.50
C THR A 400 11.06 19.61 -8.94
N PRO A 401 9.96 19.30 -8.20
CA PRO A 401 9.16 20.38 -7.63
C PRO A 401 9.93 21.17 -6.57
N LYS A 402 9.60 22.45 -6.42
CA LYS A 402 10.22 23.28 -5.40
C LYS A 402 9.48 23.11 -4.09
N VAL A 403 10.22 23.07 -2.99
CA VAL A 403 9.65 22.93 -1.66
C VAL A 403 8.63 24.05 -1.40
N GLY A 404 7.50 23.67 -0.82
CA GLY A 404 6.47 24.62 -0.42
C GLY A 404 5.56 25.08 -1.54
N THR A 405 5.82 24.63 -2.75
CA THR A 405 4.97 25.01 -3.89
C THR A 405 3.98 23.91 -4.25
N THR A 406 2.93 24.29 -4.96
CA THR A 406 1.86 23.40 -5.38
C THR A 406 1.88 23.19 -6.88
N GLU A 407 1.75 21.94 -7.30
CA GLU A 407 1.72 21.60 -8.72
C GLU A 407 0.49 20.77 -9.06
N ILE A 408 0.07 20.87 -10.32
CA ILE A 408 -0.88 19.92 -10.88
C ILE A 408 -0.10 18.90 -11.71
N TRP A 409 -0.34 17.62 -11.43
CA TRP A 409 0.22 16.54 -12.22
C TRP A 409 -0.89 15.94 -13.04
N SER A 410 -0.71 15.93 -14.36
CA SER A 410 -1.66 15.33 -15.29
C SER A 410 -1.09 14.04 -15.81
N ILE A 411 -1.67 12.94 -15.34
CA ILE A 411 -1.16 11.60 -15.62
C ILE A 411 -1.92 10.95 -16.77
N ILE A 412 -1.24 10.78 -17.89
CA ILE A 412 -1.80 10.19 -19.10
C ILE A 412 -1.60 8.68 -19.11
N ASN A 413 -2.69 7.93 -19.14
CA ASN A 413 -2.63 6.46 -19.20
C ASN A 413 -3.17 5.90 -20.51
N PRO A 414 -2.29 5.70 -21.50
CA PRO A 414 -2.68 5.06 -22.74
C PRO A 414 -2.51 3.52 -22.75
N THR A 415 -2.22 2.92 -21.60
CA THR A 415 -2.06 1.45 -21.52
C THR A 415 -3.42 0.79 -21.33
N ARG A 416 -3.47 -0.54 -21.38
CA ARG A 416 -4.76 -1.23 -21.22
C ARG A 416 -5.16 -1.56 -19.78
N GLY A 417 -4.36 -1.12 -18.81
CA GLY A 417 -4.67 -1.38 -17.40
C GLY A 417 -4.58 -0.16 -16.49
N THR A 418 -5.14 -0.29 -15.29
CA THR A 418 -5.04 0.72 -14.25
C THR A 418 -3.68 0.61 -13.56
N HIS A 419 -3.11 1.76 -13.22
CA HIS A 419 -1.88 1.80 -12.42
C HIS A 419 -2.14 2.65 -11.19
N PRO A 420 -1.93 2.07 -10.00
CA PRO A 420 -2.05 2.86 -8.79
C PRO A 420 -0.78 3.69 -8.59
N ILE A 421 -0.87 4.97 -8.89
CA ILE A 421 0.30 5.86 -8.83
C ILE A 421 0.46 6.42 -7.44
N HIS A 422 1.69 6.32 -6.93
CA HIS A 422 2.01 6.75 -5.58
C HIS A 422 3.15 7.76 -5.58
N LEU A 423 2.97 8.83 -4.81
CA LEU A 423 4.00 9.83 -4.55
C LEU A 423 4.43 9.72 -3.10
N HIS A 424 5.74 9.62 -2.87
CA HIS A 424 6.27 9.66 -1.51
C HIS A 424 6.10 11.06 -0.93
N LEU A 425 6.26 11.15 0.40
CA LEU A 425 6.21 12.38 1.19
C LEU A 425 4.83 13.03 1.35
N VAL A 426 4.18 13.28 0.22
CA VAL A 426 2.99 14.13 0.20
C VAL A 426 1.70 13.34 0.15
N SER A 427 0.60 13.98 0.55
CA SER A 427 -0.72 13.54 0.15
C SER A 427 -1.27 14.60 -0.80
N PHE A 428 -2.19 14.21 -1.68
CA PHE A 428 -2.67 15.10 -2.71
C PHE A 428 -4.19 15.07 -2.87
N ARG A 429 -4.68 16.07 -3.58
CA ARG A 429 -6.09 16.18 -3.94
C ARG A 429 -6.28 15.62 -5.32
N VAL A 430 -7.40 14.96 -5.53
CA VAL A 430 -7.78 14.45 -6.84
C VAL A 430 -8.65 15.51 -7.51
N LEU A 431 -8.25 15.95 -8.72
CA LEU A 431 -9.00 17.00 -9.39
C LEU A 431 -10.09 16.42 -10.30
N ASP A 432 -9.70 15.56 -11.24
CA ASP A 432 -10.64 14.94 -12.17
C ASP A 432 -10.01 13.86 -13.03
N ARG A 433 -10.86 13.10 -13.71
CA ARG A 433 -10.44 12.12 -14.70
C ARG A 433 -11.16 12.39 -16.02
N ARG A 434 -10.46 12.18 -17.15
CA ARG A 434 -11.03 12.47 -18.45
C ARG A 434 -10.61 11.47 -19.52
N PRO A 435 -11.58 10.87 -20.23
CA PRO A 435 -11.26 9.87 -21.26
C PRO A 435 -10.67 10.51 -22.52
N PHE A 436 -9.77 9.78 -23.20
CA PHE A 436 -9.14 10.29 -24.41
C PHE A 436 -8.95 9.21 -25.47
N ASP A 437 -8.68 9.65 -26.69
CA ASP A 437 -8.51 8.78 -27.84
C ASP A 437 -7.13 8.13 -27.78
N ILE A 438 -7.08 6.84 -27.43
CA ILE A 438 -5.81 6.15 -27.24
C ILE A 438 -5.00 6.00 -28.52
N ALA A 439 -5.65 5.52 -29.59
CA ALA A 439 -5.00 5.34 -30.89
C ALA A 439 -4.39 6.64 -31.42
N ARG A 440 -5.15 7.73 -31.32
CA ARG A 440 -4.68 9.06 -31.71
C ARG A 440 -3.45 9.48 -30.91
N TYR A 441 -3.48 9.25 -29.60
CA TYR A 441 -2.34 9.58 -28.73
C TYR A 441 -1.10 8.77 -29.06
N GLN A 442 -1.29 7.49 -29.36
CA GLN A 442 -0.17 6.59 -29.66
C GLN A 442 0.44 6.89 -31.04
N GLU A 443 -0.41 7.29 -31.99
CA GLU A 443 0.04 7.62 -33.34
C GLU A 443 0.71 9.00 -33.42
N SER A 444 0.17 9.98 -32.72
CA SER A 444 0.58 11.38 -32.89
C SER A 444 1.11 12.07 -31.63
N GLY A 445 0.90 11.47 -30.46
CA GLY A 445 1.24 12.11 -29.19
C GLY A 445 0.28 13.23 -28.85
N GLU A 446 -0.77 13.36 -29.67
CA GLU A 446 -1.78 14.40 -29.52
C GLU A 446 -2.90 13.89 -28.63
N LEU A 447 -3.31 14.73 -27.69
CA LEU A 447 -4.33 14.38 -26.72
C LEU A 447 -5.68 14.96 -27.12
N SER A 448 -6.58 14.08 -27.56
CA SER A 448 -7.92 14.45 -27.95
C SER A 448 -8.95 13.77 -27.03
N TYR A 449 -9.62 14.57 -26.22
CA TYR A 449 -10.59 14.04 -25.26
C TYR A 449 -11.86 13.54 -25.93
N THR A 450 -12.41 12.45 -25.40
CA THR A 450 -13.59 11.81 -25.96
C THR A 450 -14.80 11.95 -25.03
N GLY A 451 -14.70 12.88 -24.08
CA GLY A 451 -15.74 13.09 -23.07
C GLY A 451 -15.31 14.16 -22.10
N PRO A 452 -16.25 14.70 -21.31
CA PRO A 452 -15.92 15.75 -20.33
C PRO A 452 -15.13 15.19 -19.14
N ALA A 453 -14.52 16.09 -18.38
CA ALA A 453 -13.82 15.72 -17.16
C ALA A 453 -14.83 15.29 -16.10
N VAL A 454 -14.46 14.29 -15.32
CA VAL A 454 -15.30 13.74 -14.25
C VAL A 454 -14.61 13.99 -12.91
N PRO A 455 -15.27 14.77 -12.03
CA PRO A 455 -14.73 15.02 -10.69
C PRO A 455 -14.62 13.72 -9.89
N PRO A 456 -13.79 13.69 -8.83
CA PRO A 456 -13.65 12.48 -8.03
C PRO A 456 -14.92 12.13 -7.25
N PRO A 457 -15.17 10.82 -7.04
CA PRO A 457 -16.24 10.36 -6.16
C PRO A 457 -15.97 10.86 -4.75
N PRO A 458 -17.00 10.85 -3.86
CA PRO A 458 -16.80 11.36 -2.50
C PRO A 458 -15.65 10.71 -1.74
N SER A 459 -15.37 9.44 -2.02
CA SER A 459 -14.26 8.70 -1.41
C SER A 459 -12.91 9.36 -1.73
N GLU A 460 -12.87 10.08 -2.84
CA GLU A 460 -11.64 10.73 -3.30
C GLU A 460 -11.66 12.25 -3.22
N LYS A 461 -12.50 12.78 -2.33
CA LYS A 461 -12.58 14.22 -2.06
C LYS A 461 -11.73 14.64 -0.86
N GLY A 462 -11.01 13.68 -0.27
CA GLY A 462 -10.10 14.01 0.83
C GLY A 462 -8.66 14.01 0.35
N TRP A 463 -7.79 13.44 1.18
CA TRP A 463 -6.35 13.38 0.87
C TRP A 463 -5.95 11.96 0.48
N LYS A 464 -5.21 11.85 -0.62
CA LYS A 464 -4.79 10.57 -1.16
C LYS A 464 -3.28 10.56 -1.34
N ASP A 465 -2.66 9.37 -1.35
CA ASP A 465 -1.24 9.28 -1.72
C ASP A 465 -1.00 8.19 -2.77
N THR A 466 -2.02 7.38 -3.02
CA THR A 466 -1.95 6.31 -4.01
C THR A 466 -3.28 6.36 -4.76
N ILE A 467 -3.20 6.49 -6.08
CA ILE A 467 -4.37 6.85 -6.86
C ILE A 467 -4.49 6.01 -8.13
N GLN A 468 -5.67 5.44 -8.34
CA GLN A 468 -5.90 4.63 -9.51
C GLN A 468 -5.98 5.48 -10.76
N ALA A 469 -5.03 5.31 -11.65
CA ALA A 469 -5.04 5.96 -12.96
C ALA A 469 -5.55 4.95 -13.96
N HIS A 470 -6.83 5.06 -14.33
CA HIS A 470 -7.45 4.07 -15.21
C HIS A 470 -7.00 4.20 -16.66
N ALA A 471 -7.17 3.12 -17.41
CA ALA A 471 -6.80 3.05 -18.83
C ALA A 471 -7.61 4.04 -19.67
N GLY A 472 -6.93 4.65 -20.65
CA GLY A 472 -7.54 5.61 -21.57
C GLY A 472 -8.08 6.86 -20.91
N GLU A 473 -7.45 7.29 -19.83
CA GLU A 473 -7.86 8.50 -19.13
C GLU A 473 -6.66 9.34 -18.72
N VAL A 474 -6.91 10.65 -18.60
CA VAL A 474 -6.00 11.58 -17.98
C VAL A 474 -6.49 11.88 -16.58
N LEU A 475 -5.63 11.63 -15.60
CA LEU A 475 -5.95 11.88 -14.20
C LEU A 475 -5.18 13.10 -13.71
N ARG A 476 -5.89 14.06 -13.14
CA ARG A 476 -5.24 15.24 -12.60
C ARG A 476 -5.29 15.25 -11.08
N ILE A 477 -4.12 15.48 -10.48
CA ILE A 477 -4.00 15.60 -9.03
C ILE A 477 -3.26 16.88 -8.71
N ALA A 478 -3.48 17.42 -7.51
CA ALA A 478 -2.74 18.61 -7.07
C ALA A 478 -2.03 18.33 -5.74
N ALA A 479 -0.74 18.61 -5.69
CA ALA A 479 0.05 18.41 -4.47
C ALA A 479 0.92 19.60 -4.09
N THR A 480 0.99 19.87 -2.80
CA THR A 480 1.93 20.83 -2.25
C THR A 480 3.15 20.07 -1.75
N PHE A 481 4.31 20.38 -2.31
CA PHE A 481 5.52 19.61 -2.03
C PHE A 481 6.29 20.13 -0.83
N GLY A 482 6.27 19.34 0.23
CA GLY A 482 6.89 19.72 1.49
C GLY A 482 6.35 18.84 2.60
N PRO A 483 6.72 19.13 3.85
CA PRO A 483 7.52 20.27 4.29
C PRO A 483 9.04 20.11 4.10
N TYR A 484 9.49 18.91 3.76
CA TYR A 484 10.93 18.66 3.62
C TYR A 484 11.35 18.75 2.16
N SER A 485 12.59 19.16 1.94
CA SER A 485 13.24 19.03 0.65
C SER A 485 14.13 17.78 0.69
N GLY A 486 14.40 17.22 -0.47
CA GLY A 486 15.29 16.08 -0.54
C GLY A 486 14.96 15.16 -1.69
N ARG A 487 15.55 13.97 -1.65
CA ARG A 487 15.41 12.98 -2.71
C ARG A 487 14.36 11.94 -2.32
N TYR A 488 13.27 11.91 -3.09
CA TYR A 488 12.17 10.97 -2.84
C TYR A 488 11.90 10.21 -4.11
N VAL A 489 10.75 9.55 -4.20
CA VAL A 489 10.40 8.79 -5.39
CA VAL A 489 10.40 8.70 -5.34
C VAL A 489 8.92 8.87 -5.68
N TRP A 490 8.55 8.58 -6.93
CA TRP A 490 7.15 8.36 -7.29
C TRP A 490 7.11 7.15 -8.22
N HIS A 491 6.06 6.34 -8.10
CA HIS A 491 6.01 5.08 -8.83
C HIS A 491 4.61 4.49 -8.92
N CYS A 492 4.45 3.52 -9.82
CA CYS A 492 3.28 2.64 -9.76
C CYS A 492 3.49 1.66 -8.61
N HIS A 493 2.42 1.40 -7.84
CA HIS A 493 2.52 0.52 -6.67
C HIS A 493 2.09 -0.93 -6.94
N ILE A 494 1.99 -1.30 -8.22
CA ILE A 494 2.00 -2.70 -8.63
C ILE A 494 3.47 -3.09 -8.63
N LEU A 495 3.86 -3.94 -7.68
CA LEU A 495 5.28 -4.15 -7.38
C LEU A 495 6.05 -4.80 -8.53
N GLU A 496 5.37 -5.64 -9.30
CA GLU A 496 5.93 -6.22 -10.52
C GLU A 496 6.23 -5.14 -11.57
N HIS A 497 5.52 -4.02 -11.51
CA HIS A 497 5.78 -2.85 -12.37
C HIS A 497 6.85 -1.96 -11.77
N THR A 498 6.77 -1.75 -10.46
CA THR A 498 7.75 -0.95 -9.71
C THR A 498 9.18 -1.39 -9.98
N ASP A 499 9.41 -2.71 -9.97
CA ASP A 499 10.75 -3.24 -10.09
C ASP A 499 11.32 -3.24 -11.52
N TYR A 500 10.48 -3.01 -12.52
CA TYR A 500 10.91 -3.09 -13.92
C TYR A 500 9.99 -2.34 -14.90
N ASP A 501 10.07 -1.01 -14.95
CA ASP A 501 10.99 -0.18 -14.17
C ASP A 501 10.21 1.11 -13.89
N MET A 502 9.00 0.94 -13.37
CA MET A 502 7.99 2.01 -13.31
C MET A 502 8.11 2.85 -12.04
N MET A 503 9.32 3.38 -11.84
CA MET A 503 9.65 4.17 -10.66
C MET A 503 10.66 5.22 -11.05
N ARG A 504 10.46 6.44 -10.57
CA ARG A 504 11.36 7.55 -10.88
C ARG A 504 11.74 8.32 -9.62
N PRO A 505 12.95 8.89 -9.58
CA PRO A 505 13.30 9.78 -8.48
C PRO A 505 12.45 11.05 -8.52
N MET A 506 12.27 11.68 -7.37
CA MET A 506 11.48 12.90 -7.25
C MET A 506 12.26 13.81 -6.31
N ASP A 507 12.89 14.84 -6.87
CA ASP A 507 13.67 15.79 -6.07
C ASP A 507 12.83 16.99 -5.68
N ILE A 508 12.63 17.18 -4.39
CA ILE A 508 11.99 18.39 -3.89
C ILE A 508 13.10 19.37 -3.50
N THR A 509 13.20 20.46 -4.25
CA THR A 509 14.37 21.34 -4.18
C THR A 509 14.15 22.54 -3.26
N ASP A 510 15.23 23.06 -2.71
CA ASP A 510 15.19 24.23 -1.84
C ASP A 510 16.06 25.35 -2.45
N PRO A 511 15.57 26.00 -3.53
CA PRO A 511 16.34 27.05 -4.19
C PRO A 511 16.31 28.37 -3.42
CU CU B . 1.74 -0.24 -13.06
CU CU C . 4.36 1.81 -0.53
CU CU D . 7.28 3.74 -2.64
CU CU E . 5.32 5.26 -0.24
O1 OXY F . 5.63 3.45 -1.26
O2 OXY F . 5.91 2.52 -1.72
C1 EDO G . 18.20 10.03 0.00
O1 EDO G . 18.86 11.30 -0.15
C2 EDO G . 18.84 9.35 1.19
O2 EDO G . 18.20 8.07 1.42
O2 EDO G . 20.26 9.49 1.11
C1 EDO H . -29.80 -7.54 17.03
O1 EDO H . -28.93 -7.50 15.89
C2 EDO H . -30.86 -6.47 16.91
O2 EDO H . -31.70 -6.76 15.79
C1 EDO I . 20.89 -9.70 4.00
O1 EDO I . 20.25 -10.78 4.69
C2 EDO I . 22.11 -10.22 3.27
O2 EDO I . 23.13 -10.52 4.21
C1 EDO J . -12.19 -7.84 17.81
O1 EDO J . -11.19 -7.12 18.54
C2 EDO J . -13.25 -8.36 18.77
O2 EDO J . -13.96 -7.26 19.35
C1 EDO K . 20.62 7.88 13.47
O1 EDO K . 20.92 6.66 12.77
C2 EDO K . 21.26 9.05 12.74
O2 EDO K . 22.68 8.81 12.67
C1 EDO L . -18.64 -14.64 -2.81
O1 EDO L . -19.27 -15.91 -3.06
C2 EDO L . -18.84 -14.28 -1.35
O2 EDO L . -20.13 -13.68 -1.21
C1 EDO M . -15.12 6.13 21.71
O1 EDO M . -15.14 4.85 21.08
C2 EDO M . -16.32 6.23 22.63
O2 EDO M . -16.38 5.04 23.42
C1 EDO N . -3.96 21.77 -2.92
O1 EDO N . -4.14 22.41 -1.66
C2 EDO N . -3.30 20.41 -2.71
O2 EDO N . -2.08 20.61 -1.98
C1 EDO O . -28.95 -15.51 12.46
O1 EDO O . -28.88 -16.07 13.77
C2 EDO O . -28.33 -16.49 11.46
O2 EDO O . -28.74 -16.15 10.13
C1 EDO P . 4.30 13.87 22.28
O1 EDO P . 4.58 12.55 21.78
C2 EDO P . 3.64 14.69 21.18
O2 EDO P . 2.44 14.03 20.78
C1 EDO Q . -23.67 -18.89 6.39
O1 EDO Q . -22.39 -18.94 7.04
C2 EDO Q . -24.66 -18.16 7.28
O2 EDO Q . -25.11 -16.97 6.62
C1 EDO R . -23.90 -12.36 20.23
O1 EDO R . -23.50 -11.13 20.84
C2 EDO R . -24.39 -13.34 21.30
O2 EDO R . -23.54 -13.26 22.47
#